data_4V39
#
_entry.id   4V39
#
_cell.length_a   111.190
_cell.length_b   56.850
_cell.length_c   79.680
_cell.angle_alpha   90.00
_cell.angle_beta   111.35
_cell.angle_gamma   90.00
#
_symmetry.space_group_name_H-M   'C 1 2 1'
#
loop_
_entity.id
_entity.type
_entity.pdbx_description
1 polymer SIALYLTRANSFERASE
2 water water
#
_entity_poly.entity_id   1
_entity_poly.type   'polypeptide(L)'
_entity_poly.pdbx_seq_one_letter_code
;SKTITIYLDHASLPTLNQLMHFTKESEDKETARIFGFSRFKLPEKITEQYNNIHFVEIKNNRPTEDIFTILDQYPEKLEL
DLHLNIAHSIQLFHPILQYRFKHPDRISIKSLNLYDDGTAEYVDLEKEENKDIKSAIKKAEKQLSDYLLTGKINFDNPTL
ARYVWQSQYPVKYHFLSTEYFEKAEFLQPLKTYLAGKYQKMDWSAYEKLSPEQQTFYLKLVGFSDETKQLFHTEQTKFIF
TGTTTWEGNTDIREYYAKQQLNLLKHFTHSEGDLFIGDQYKIYFKGHPRGGDINDYILKHAKDITNIPANISFEILMMTG
LLPDKVGGVASSLYFSLPKEKISHIIFTSNKKIKNKEDALNDPYVRVMLRLGMIDKSQIIFWDSLKQL
;
_entity_poly.pdbx_strand_id   A
#
# COMPACT_ATOMS: atom_id res chain seq x y z
N SER A 1 -18.47 -9.74 -27.67
CA SER A 1 -17.80 -9.52 -26.36
C SER A 1 -17.31 -8.08 -26.29
N LYS A 2 -17.39 -7.51 -25.09
CA LYS A 2 -16.67 -6.30 -24.76
C LYS A 2 -15.97 -6.59 -23.44
N THR A 3 -14.72 -6.20 -23.35
CA THR A 3 -13.95 -6.38 -22.16
C THR A 3 -14.22 -5.16 -21.36
N ILE A 4 -14.37 -5.33 -20.06
CA ILE A 4 -14.50 -4.21 -19.15
C ILE A 4 -13.46 -4.36 -18.05
N THR A 5 -12.58 -3.36 -17.93
CA THR A 5 -11.56 -3.42 -16.92
C THR A 5 -12.11 -2.74 -15.69
N ILE A 6 -12.02 -3.40 -14.55
CA ILE A 6 -12.64 -2.87 -13.34
C ILE A 6 -11.65 -2.83 -12.22
N TYR A 7 -11.37 -1.61 -11.78
CA TYR A 7 -10.43 -1.33 -10.75
C TYR A 7 -11.16 -1.04 -9.44
N LEU A 8 -10.92 -1.84 -8.42
CA LEU A 8 -11.52 -1.66 -7.10
C LEU A 8 -10.47 -1.65 -5.98
N ASP A 9 -10.45 -0.57 -5.21
CA ASP A 9 -9.67 -0.49 -3.97
C ASP A 9 -10.22 0.61 -3.05
N HIS A 10 -10.33 0.31 -1.77
CA HIS A 10 -10.68 1.36 -0.81
C HIS A 10 -9.46 1.91 -0.13
N ALA A 11 -8.40 1.10 -0.02
CA ALA A 11 -7.15 1.57 0.59
C ALA A 11 -6.45 2.52 -0.38
N SER A 12 -5.12 2.53 -0.41
CA SER A 12 -4.43 3.35 -1.37
C SER A 12 -3.34 2.65 -2.21
N LEU A 13 -2.73 1.60 -1.69
CA LEU A 13 -1.61 0.99 -2.43
C LEU A 13 -2.08 0.30 -3.73
N PRO A 14 -3.15 -0.53 -3.64
CA PRO A 14 -3.72 -1.15 -4.82
C PRO A 14 -4.10 -0.13 -5.86
N THR A 15 -4.79 0.94 -5.43
CA THR A 15 -5.17 2.00 -6.31
C THR A 15 -3.95 2.46 -7.08
N LEU A 16 -2.84 2.68 -6.40
CA LEU A 16 -1.65 3.21 -7.08
C LEU A 16 -1.11 2.24 -8.11
N ASN A 17 -1.20 0.93 -7.83
CA ASN A 17 -0.75 -0.07 -8.81
C ASN A 17 -1.72 -0.17 -9.94
N GLN A 18 -3.01 -0.15 -9.61
CA GLN A 18 -4.04 -0.26 -10.59
C GLN A 18 -3.94 0.86 -11.62
N LEU A 19 -3.62 2.07 -11.16
CA LEU A 19 -3.43 3.23 -12.01
C LEU A 19 -2.19 3.11 -12.87
N MET A 20 -1.21 2.32 -12.40
CA MET A 20 0.01 2.06 -13.17
C MET A 20 -0.37 1.13 -14.33
N HIS A 21 -1.20 0.15 -14.03
CA HIS A 21 -1.73 -0.70 -15.06
C HIS A 21 -2.48 0.10 -16.12
N PHE A 22 -3.32 1.03 -15.67
CA PHE A 22 -4.06 1.92 -16.56
C PHE A 22 -3.12 2.77 -17.40
N THR A 23 -1.99 3.15 -16.82
CA THR A 23 -1.02 3.97 -17.50
C THR A 23 -0.39 3.18 -18.65
N LYS A 24 -0.11 1.89 -18.39
CA LYS A 24 0.41 1.02 -19.42
C LYS A 24 -0.65 0.77 -20.49
N GLU A 25 -1.92 0.61 -20.10
CA GLU A 25 -2.99 0.41 -21.09
C GLU A 25 -3.47 1.74 -21.67
N SER A 26 -2.76 2.83 -21.36
CA SER A 26 -3.22 4.20 -21.62
C SER A 26 -3.53 4.55 -23.09
N GLU A 27 -2.78 3.98 -24.03
CA GLU A 27 -3.05 4.14 -25.48
C GLU A 27 -4.45 3.71 -25.89
N ASP A 28 -4.89 2.59 -25.32
CA ASP A 28 -6.24 2.07 -25.51
C ASP A 28 -7.29 3.02 -24.92
N LYS A 29 -7.95 3.79 -25.79
CA LYS A 29 -9.01 4.76 -25.39
C LYS A 29 -10.41 4.18 -25.56
N GLU A 30 -10.47 2.88 -25.90
CA GLU A 30 -11.71 2.22 -26.25
C GLU A 30 -12.31 1.42 -25.13
N THR A 31 -11.53 0.48 -24.60
CA THR A 31 -11.99 -0.39 -23.56
C THR A 31 -12.64 0.42 -22.42
N ALA A 32 -13.71 -0.11 -21.86
CA ALA A 32 -14.43 0.57 -20.85
C ALA A 32 -13.73 0.30 -19.55
N ARG A 33 -13.64 1.35 -18.70
CA ARG A 33 -13.07 1.20 -17.37
C ARG A 33 -14.06 1.64 -16.32
N ILE A 34 -14.10 0.88 -15.24
CA ILE A 34 -14.83 1.32 -14.08
C ILE A 34 -13.82 1.49 -12.98
N PHE A 35 -13.80 2.69 -12.42
CA PHE A 35 -12.88 3.06 -11.35
C PHE A 35 -13.63 3.10 -10.04
N GLY A 36 -13.31 2.15 -9.16
CA GLY A 36 -13.96 2.05 -7.85
C GLY A 36 -12.96 2.28 -6.76
N PHE A 37 -12.67 3.57 -6.51
CA PHE A 37 -11.66 3.99 -5.54
C PHE A 37 -12.30 4.71 -4.38
N SER A 38 -11.63 4.68 -3.23
CA SER A 38 -12.04 5.47 -2.08
C SER A 38 -11.27 6.76 -2.05
N ARG A 39 -9.96 6.69 -2.27
CA ARG A 39 -9.12 7.89 -2.23
C ARG A 39 -9.18 8.64 -3.57
N PHE A 40 -8.47 8.13 -4.57
CA PHE A 40 -8.06 8.93 -5.72
C PHE A 40 -9.22 9.24 -6.70
N LYS A 41 -9.31 10.49 -7.16
CA LYS A 41 -10.30 10.89 -8.16
C LYS A 41 -9.50 11.48 -9.31
N LEU A 42 -9.95 11.34 -10.55
CA LEU A 42 -9.02 11.48 -11.67
C LEU A 42 -9.18 12.77 -12.46
N PRO A 43 -8.04 13.36 -12.89
CA PRO A 43 -8.08 14.63 -13.61
C PRO A 43 -9.00 14.59 -14.80
N GLU A 44 -9.80 15.63 -14.99
CA GLU A 44 -10.72 15.69 -16.13
C GLU A 44 -9.97 15.68 -17.47
N LYS A 45 -8.78 16.28 -17.53
CA LYS A 45 -7.96 16.26 -18.76
C LYS A 45 -7.64 14.84 -19.21
N ILE A 46 -7.51 13.94 -18.25
CA ILE A 46 -7.31 12.54 -18.51
C ILE A 46 -8.62 11.80 -18.80
N THR A 47 -9.65 11.98 -17.99
CA THR A 47 -10.86 11.16 -18.15
C THR A 47 -11.58 11.47 -19.45
N GLU A 48 -11.61 12.75 -19.82
CA GLU A 48 -12.33 13.16 -21.00
C GLU A 48 -11.69 12.63 -22.31
N GLN A 49 -10.47 12.13 -22.24
CA GLN A 49 -9.92 11.33 -23.33
C GLN A 49 -10.57 9.95 -23.55
N TYR A 50 -11.31 9.47 -22.56
CA TYR A 50 -11.75 8.08 -22.54
C TYR A 50 -13.26 8.11 -22.65
N ASN A 51 -13.78 7.43 -23.67
CA ASN A 51 -15.22 7.49 -23.93
C ASN A 51 -16.06 6.43 -23.21
N ASN A 52 -15.44 5.55 -22.44
CA ASN A 52 -16.15 4.54 -21.69
C ASN A 52 -15.53 4.45 -20.31
N ILE A 53 -15.68 5.56 -19.60
CA ILE A 53 -15.02 5.68 -18.34
C ILE A 53 -16.07 6.02 -17.28
N HIS A 54 -16.11 5.18 -16.25
CA HIS A 54 -17.15 5.24 -15.23
C HIS A 54 -16.48 5.21 -13.87
N PHE A 55 -17.16 5.81 -12.89
CA PHE A 55 -16.66 5.94 -11.52
C PHE A 55 -17.71 5.45 -10.58
N VAL A 56 -17.32 4.63 -9.62
CA VAL A 56 -18.28 4.09 -8.68
C VAL A 56 -17.87 4.35 -7.23
N GLU A 57 -18.86 4.72 -6.43
CA GLU A 57 -18.64 5.03 -5.02
C GLU A 57 -18.26 3.76 -4.29
N ILE A 58 -17.26 3.84 -3.42
CA ILE A 58 -16.96 2.77 -2.49
C ILE A 58 -17.50 3.19 -1.13
N LYS A 59 -18.59 2.56 -0.72
CA LYS A 59 -19.21 2.81 0.56
C LYS A 59 -18.95 1.53 1.39
N ASN A 60 -18.47 1.72 2.62
CA ASN A 60 -17.98 0.61 3.43
C ASN A 60 -16.76 -0.04 2.79
N ASN A 61 -16.88 -1.33 2.50
CA ASN A 61 -15.74 -2.15 2.13
C ASN A 61 -15.86 -2.61 0.69
N ARG A 62 -16.91 -2.13 0.01
CA ARG A 62 -17.33 -2.69 -1.27
C ARG A 62 -17.84 -1.58 -2.18
N PRO A 63 -17.95 -1.88 -3.48
CA PRO A 63 -18.62 -0.95 -4.36
C PRO A 63 -20.12 -0.92 -4.10
N THR A 64 -20.76 0.24 -4.31
CA THR A 64 -22.22 0.34 -4.13
C THR A 64 -22.92 -0.31 -5.30
N GLU A 65 -24.21 -0.47 -5.17
CA GLU A 65 -25.00 -1.00 -6.27
C GLU A 65 -25.12 0.00 -7.43
N ASP A 66 -24.48 1.17 -7.34
CA ASP A 66 -24.28 2.01 -8.53
C ASP A 66 -23.59 1.21 -9.63
N ILE A 67 -22.80 0.21 -9.27
CA ILE A 67 -22.05 -0.50 -10.27
C ILE A 67 -22.97 -1.30 -11.17
N PHE A 68 -24.13 -1.70 -10.64
CA PHE A 68 -25.13 -2.39 -11.44
C PHE A 68 -25.62 -1.48 -12.56
N THR A 69 -25.82 -0.20 -12.24
CA THR A 69 -26.34 0.75 -13.22
C THR A 69 -25.32 0.98 -14.31
N ILE A 70 -24.06 1.04 -13.93
CA ILE A 70 -22.99 1.19 -14.88
C ILE A 70 -22.91 0.04 -15.89
N LEU A 71 -23.03 -1.19 -15.41
CA LEU A 71 -22.89 -2.35 -16.27
C LEU A 71 -24.17 -2.61 -17.10
N ASP A 72 -25.31 -2.15 -16.62
CA ASP A 72 -26.54 -2.20 -17.41
C ASP A 72 -26.33 -1.50 -18.76
N GLN A 73 -25.43 -0.52 -18.82
CA GLN A 73 -25.13 0.19 -20.06
C GLN A 73 -24.48 -0.67 -21.15
N TYR A 74 -23.99 -1.87 -20.80
CA TYR A 74 -23.31 -2.73 -21.75
C TYR A 74 -24.02 -4.06 -21.90
N PRO A 75 -24.94 -4.15 -22.88
CA PRO A 75 -25.76 -5.33 -23.11
C PRO A 75 -25.12 -6.38 -24.02
N GLU A 76 -23.88 -6.16 -24.42
CA GLU A 76 -23.12 -7.15 -25.16
C GLU A 76 -22.82 -8.32 -24.23
N LYS A 77 -22.24 -9.38 -24.77
CA LYS A 77 -21.55 -10.38 -23.96
C LYS A 77 -20.37 -9.66 -23.33
N LEU A 78 -20.10 -9.91 -22.05
CA LEU A 78 -19.06 -9.16 -21.33
C LEU A 78 -18.05 -10.06 -20.66
N GLU A 79 -16.79 -9.63 -20.72
CA GLU A 79 -15.69 -10.30 -20.04
C GLU A 79 -15.00 -9.31 -19.13
N LEU A 80 -14.98 -9.61 -17.84
CA LEU A 80 -14.53 -8.63 -16.86
C LEU A 80 -13.10 -8.88 -16.43
N ASP A 81 -12.26 -7.85 -16.45
CA ASP A 81 -10.93 -7.91 -15.88
C ASP A 81 -10.96 -7.17 -14.58
N LEU A 82 -10.87 -7.93 -13.50
CA LEU A 82 -11.02 -7.42 -12.19
C LEU A 82 -9.64 -7.16 -11.62
N HIS A 83 -9.47 -6.00 -10.98
CA HIS A 83 -8.30 -5.72 -10.23
C HIS A 83 -8.71 -5.47 -8.79
N LEU A 84 -8.13 -6.18 -7.84
CA LEU A 84 -8.61 -6.15 -6.44
C LEU A 84 -7.53 -6.02 -5.37
N ASN A 85 -7.92 -5.43 -4.27
CA ASN A 85 -7.17 -5.41 -3.01
C ASN A 85 -7.20 -6.82 -2.41
N ILE A 86 -6.03 -7.37 -2.07
CA ILE A 86 -5.95 -8.78 -1.62
C ILE A 86 -6.70 -9.00 -0.32
N ALA A 87 -6.42 -8.19 0.70
CA ALA A 87 -7.03 -8.43 2.01
C ALA A 87 -8.54 -8.30 1.96
N HIS A 88 -9.06 -7.38 1.15
CA HIS A 88 -10.50 -7.19 1.10
C HIS A 88 -11.15 -7.70 -0.18
N SER A 89 -10.61 -8.78 -0.75
CA SER A 89 -11.00 -9.19 -2.10
C SER A 89 -12.43 -9.66 -2.18
N ILE A 90 -12.84 -10.48 -1.22
CA ILE A 90 -14.16 -11.13 -1.22
C ILE A 90 -15.25 -10.09 -1.13
N GLN A 91 -15.05 -9.14 -0.24
CA GLN A 91 -15.99 -8.07 -0.03
C GLN A 91 -16.02 -7.14 -1.25
N LEU A 92 -14.86 -6.85 -1.85
CA LEU A 92 -14.79 -6.00 -3.04
C LEU A 92 -15.44 -6.67 -4.24
N PHE A 93 -15.28 -8.00 -4.29
CA PHE A 93 -15.71 -8.83 -5.41
C PHE A 93 -17.19 -9.16 -5.41
N HIS A 94 -17.81 -9.16 -4.24
CA HIS A 94 -19.13 -9.76 -4.09
C HIS A 94 -20.22 -9.08 -4.93
N PRO A 95 -20.25 -7.74 -4.94
CA PRO A 95 -21.20 -7.06 -5.82
C PRO A 95 -21.07 -7.43 -7.30
N ILE A 96 -19.85 -7.69 -7.76
CA ILE A 96 -19.65 -8.18 -9.13
C ILE A 96 -20.26 -9.56 -9.29
N LEU A 97 -20.08 -10.41 -8.28
CA LEU A 97 -20.69 -11.75 -8.30
C LEU A 97 -22.21 -11.65 -8.36
N GLN A 98 -22.80 -10.88 -7.46
CA GLN A 98 -24.24 -10.57 -7.52
C GLN A 98 -24.71 -10.17 -8.89
N TYR A 99 -23.96 -9.30 -9.56
CA TYR A 99 -24.40 -8.81 -10.85
C TYR A 99 -24.33 -9.90 -11.89
N ARG A 100 -23.33 -10.76 -11.78
CA ARG A 100 -23.17 -11.85 -12.73
C ARG A 100 -24.32 -12.82 -12.65
N PHE A 101 -24.76 -13.08 -11.42
CA PHE A 101 -25.90 -13.97 -11.20
C PHE A 101 -27.14 -13.53 -11.97
N LYS A 102 -27.34 -12.24 -12.06
CA LYS A 102 -28.47 -11.67 -12.80
C LYS A 102 -28.37 -11.83 -14.31
N HIS A 103 -27.18 -12.13 -14.82
CA HIS A 103 -26.96 -12.23 -16.26
C HIS A 103 -25.99 -13.38 -16.52
N PRO A 104 -26.26 -14.54 -15.93
CA PRO A 104 -25.29 -15.66 -15.90
C PRO A 104 -24.78 -16.10 -17.28
N ASP A 105 -25.62 -16.04 -18.30
CA ASP A 105 -25.20 -16.48 -19.63
C ASP A 105 -24.24 -15.49 -20.26
N ARG A 106 -24.42 -14.21 -19.95
CA ARG A 106 -23.85 -13.09 -20.70
C ARG A 106 -22.60 -12.41 -20.07
N ILE A 107 -22.29 -12.70 -18.83
CA ILE A 107 -21.16 -12.05 -18.15
C ILE A 107 -20.25 -13.07 -17.51
N SER A 108 -18.94 -12.90 -17.71
CA SER A 108 -17.95 -13.78 -17.10
C SER A 108 -16.74 -12.98 -16.59
N ILE A 109 -15.94 -13.62 -15.76
CA ILE A 109 -14.72 -13.05 -15.21
C ILE A 109 -13.53 -13.56 -16.01
N LYS A 110 -12.98 -12.73 -16.89
CA LYS A 110 -11.86 -13.13 -17.73
C LYS A 110 -10.61 -13.33 -16.89
N SER A 111 -10.29 -12.40 -15.99
CA SER A 111 -9.07 -12.51 -15.16
C SER A 111 -9.10 -11.68 -13.87
N LEU A 112 -8.12 -11.93 -12.98
CA LEU A 112 -7.92 -11.16 -11.77
C LEU A 112 -6.44 -10.68 -11.60
N ASN A 113 -6.28 -9.43 -11.22
CA ASN A 113 -5.08 -8.98 -10.60
C ASN A 113 -5.40 -8.57 -9.18
N LEU A 114 -4.51 -8.93 -8.26
CA LEU A 114 -4.71 -8.80 -6.86
C LEU A 114 -3.46 -8.16 -6.31
N TYR A 115 -3.64 -7.25 -5.36
CA TYR A 115 -2.59 -6.34 -4.95
C TYR A 115 -2.67 -6.17 -3.43
N ASP A 116 -1.52 -6.03 -2.79
CA ASP A 116 -1.48 -5.96 -1.32
C ASP A 116 -2.04 -4.63 -0.87
N ASP A 117 -3.01 -4.71 0.03
CA ASP A 117 -3.46 -3.57 0.82
C ASP A 117 -2.24 -2.91 1.45
N GLY A 118 -1.46 -3.69 2.19
CA GLY A 118 -0.31 -3.16 2.90
C GLY A 118 0.28 -4.23 3.78
N THR A 119 0.59 -3.86 5.01
CA THR A 119 1.15 -4.82 5.97
C THR A 119 0.04 -5.66 6.56
N ALA A 120 -1.21 -5.19 6.48
CA ALA A 120 -2.36 -5.99 6.95
C ALA A 120 -2.27 -7.49 6.57
N GLU A 121 -1.98 -7.78 5.30
CA GLU A 121 -1.98 -9.16 4.78
C GLU A 121 -0.97 -10.06 5.47
N TYR A 122 0.14 -9.47 5.86
CA TYR A 122 1.27 -10.19 6.42
C TYR A 122 1.04 -10.43 7.91
N VAL A 123 0.64 -9.36 8.60
CA VAL A 123 0.17 -9.48 9.97
C VAL A 123 -0.87 -10.59 10.05
N ASP A 124 -1.75 -10.67 9.06
CA ASP A 124 -2.80 -11.68 9.05
C ASP A 124 -2.22 -13.07 8.81
N LEU A 125 -1.30 -13.20 7.86
CA LEU A 125 -0.66 -14.51 7.60
C LEU A 125 0.08 -15.02 8.86
N GLU A 126 0.70 -14.10 9.57
CA GLU A 126 1.45 -14.43 10.77
C GLU A 126 0.59 -15.11 11.83
N LYS A 127 -0.71 -14.83 11.80
CA LYS A 127 -1.63 -15.44 12.76
C LYS A 127 -1.95 -16.90 12.43
N GLU A 128 -1.42 -17.43 11.33
CA GLU A 128 -1.79 -18.77 10.86
C GLU A 128 -0.65 -19.77 10.93
N GLU A 129 0.46 -19.36 11.56
CA GLU A 129 1.69 -20.17 11.60
C GLU A 129 1.47 -21.60 12.09
N ASN A 130 0.52 -21.80 13.00
CA ASN A 130 0.30 -23.13 13.60
C ASN A 130 -0.64 -24.01 12.81
N LYS A 131 -1.27 -23.47 11.78
CA LYS A 131 -2.22 -24.23 10.97
C LYS A 131 -1.53 -25.24 10.04
N ASP A 132 -2.34 -26.17 9.53
CA ASP A 132 -1.94 -27.04 8.44
C ASP A 132 -2.26 -26.29 7.14
N ILE A 133 -1.24 -25.64 6.57
CA ILE A 133 -1.43 -24.80 5.38
C ILE A 133 -1.83 -25.62 4.17
N LYS A 134 -1.20 -26.79 3.99
CA LYS A 134 -1.44 -27.62 2.80
C LYS A 134 -2.87 -28.09 2.72
N SER A 135 -3.46 -28.33 3.88
CA SER A 135 -4.85 -28.77 3.93
C SER A 135 -5.81 -27.58 3.85
N ALA A 136 -5.47 -26.46 4.51
CA ALA A 136 -6.29 -25.26 4.45
C ALA A 136 -6.53 -24.80 2.99
N ILE A 137 -5.51 -24.92 2.15
CA ILE A 137 -5.62 -24.55 0.75
C ILE A 137 -6.69 -25.35 -0.02
N LYS A 138 -6.71 -26.66 0.18
CA LYS A 138 -7.65 -27.54 -0.53
C LYS A 138 -9.07 -27.21 -0.07
N LYS A 139 -9.19 -26.93 1.23
CA LYS A 139 -10.44 -26.58 1.84
C LYS A 139 -11.00 -25.34 1.18
N ALA A 140 -10.24 -24.25 1.23
CA ALA A 140 -10.63 -22.99 0.58
C ALA A 140 -10.95 -23.13 -0.91
N GLU A 141 -10.14 -23.87 -1.67
CA GLU A 141 -10.44 -24.04 -3.08
C GLU A 141 -11.88 -24.51 -3.22
N LYS A 142 -12.26 -25.48 -2.40
CA LYS A 142 -13.61 -26.05 -2.42
C LYS A 142 -14.66 -25.01 -2.01
N GLN A 143 -14.39 -24.33 -0.90
CA GLN A 143 -15.33 -23.34 -0.37
C GLN A 143 -15.52 -22.18 -1.36
N LEU A 144 -14.43 -21.76 -1.97
CA LEU A 144 -14.49 -20.76 -3.00
C LEU A 144 -15.39 -21.22 -4.12
N SER A 145 -15.26 -22.47 -4.55
CA SER A 145 -16.12 -22.98 -5.61
C SER A 145 -17.60 -22.92 -5.22
N ASP A 146 -17.91 -23.23 -3.96
CA ASP A 146 -19.28 -23.10 -3.44
C ASP A 146 -19.76 -21.65 -3.48
N TYR A 147 -18.92 -20.78 -2.94
CA TYR A 147 -19.19 -19.35 -2.92
C TYR A 147 -19.56 -18.76 -4.30
N LEU A 148 -18.90 -19.19 -5.38
CA LEU A 148 -19.16 -18.62 -6.70
C LEU A 148 -20.45 -19.15 -7.30
N LEU A 149 -20.79 -20.38 -6.91
CA LEU A 149 -22.04 -21.01 -7.34
C LEU A 149 -23.25 -20.40 -6.63
N THR A 150 -23.07 -20.09 -5.35
CA THR A 150 -24.20 -19.80 -4.49
C THR A 150 -24.30 -18.35 -4.12
N GLY A 151 -23.17 -17.79 -3.71
CA GLY A 151 -23.10 -16.43 -3.22
C GLY A 151 -22.89 -16.42 -1.74
N LYS A 152 -23.00 -17.59 -1.14
CA LYS A 152 -22.86 -17.75 0.30
C LYS A 152 -21.41 -17.54 0.65
N ILE A 153 -21.12 -16.64 1.59
CA ILE A 153 -19.75 -16.39 1.99
C ILE A 153 -19.42 -17.22 3.22
N ASN A 154 -18.79 -18.36 3.00
CA ASN A 154 -18.40 -19.21 4.10
C ASN A 154 -17.04 -19.86 3.89
N PHE A 155 -16.03 -19.35 4.59
CA PHE A 155 -14.65 -19.83 4.52
C PHE A 155 -14.15 -20.16 5.93
N ASP A 156 -13.62 -21.36 6.13
CA ASP A 156 -13.06 -21.77 7.45
C ASP A 156 -11.82 -20.95 7.81
N ASN A 157 -11.00 -20.69 6.79
CA ASN A 157 -9.87 -19.78 6.90
C ASN A 157 -9.98 -18.66 5.87
N PRO A 158 -10.63 -17.53 6.24
CA PRO A 158 -10.77 -16.41 5.30
C PRO A 158 -9.43 -15.96 4.71
N THR A 159 -8.43 -15.80 5.57
CA THR A 159 -7.11 -15.34 5.13
C THR A 159 -6.50 -16.16 3.99
N LEU A 160 -6.45 -17.48 4.13
CA LEU A 160 -5.82 -18.28 3.09
C LEU A 160 -6.72 -18.32 1.88
N ALA A 161 -8.03 -18.16 2.11
CA ALA A 161 -9.00 -18.09 1.03
C ALA A 161 -8.67 -17.01 0.02
N ARG A 162 -7.94 -15.99 0.46
CA ARG A 162 -7.51 -14.91 -0.41
C ARG A 162 -6.56 -15.35 -1.51
N TYR A 163 -5.86 -16.47 -1.31
CA TYR A 163 -4.80 -16.87 -2.24
C TYR A 163 -5.13 -18.04 -3.18
N VAL A 164 -6.42 -18.38 -3.34
CA VAL A 164 -6.83 -19.59 -4.08
C VAL A 164 -7.69 -19.32 -5.31
N TRP A 165 -7.67 -18.07 -5.75
CA TRP A 165 -8.41 -17.61 -6.95
C TRP A 165 -8.02 -18.35 -8.23
N GLN A 166 -6.78 -18.85 -8.29
CA GLN A 166 -6.27 -19.58 -9.45
C GLN A 166 -6.98 -20.91 -9.72
N SER A 167 -7.76 -21.40 -8.75
CA SER A 167 -8.55 -22.62 -8.95
C SER A 167 -9.75 -22.29 -9.79
N GLN A 168 -10.12 -21.01 -9.80
CA GLN A 168 -11.26 -20.56 -10.58
C GLN A 168 -10.89 -19.77 -11.81
N TYR A 169 -9.87 -18.91 -11.73
CA TYR A 169 -9.59 -17.95 -12.79
C TYR A 169 -8.11 -17.79 -13.10
N PRO A 170 -7.80 -17.24 -14.29
CA PRO A 170 -6.45 -16.70 -14.50
C PRO A 170 -6.20 -15.55 -13.54
N VAL A 171 -5.13 -15.63 -12.77
CA VAL A 171 -4.94 -14.72 -11.66
C VAL A 171 -3.48 -14.33 -11.57
N LYS A 172 -3.24 -13.10 -11.12
CA LYS A 172 -1.89 -12.61 -10.89
C LYS A 172 -1.80 -11.73 -9.62
N TYR A 173 -0.77 -12.00 -8.82
CA TYR A 173 -0.64 -11.42 -7.49
C TYR A 173 0.56 -10.46 -7.42
N HIS A 174 0.36 -9.33 -6.76
CA HIS A 174 1.36 -8.32 -6.62
C HIS A 174 1.59 -8.11 -5.14
N PHE A 175 2.79 -8.49 -4.70
CA PHE A 175 3.14 -8.53 -3.31
C PHE A 175 4.18 -7.48 -2.93
N LEU A 176 3.96 -6.92 -1.75
CA LEU A 176 4.88 -6.02 -1.10
C LEU A 176 6.16 -6.79 -0.71
N SER A 177 5.99 -8.01 -0.19
CA SER A 177 7.11 -8.85 0.23
C SER A 177 7.01 -10.25 -0.37
N THR A 178 7.67 -10.45 -1.51
CA THR A 178 7.84 -11.79 -1.99
C THR A 178 8.80 -12.56 -1.09
N GLU A 179 9.70 -11.89 -0.37
CA GLU A 179 10.59 -12.62 0.54
C GLU A 179 9.86 -13.28 1.69
N TYR A 180 8.80 -12.66 2.19
CA TYR A 180 8.05 -13.26 3.30
C TYR A 180 7.53 -14.63 2.94
N PHE A 181 6.91 -14.72 1.77
CA PHE A 181 6.37 -15.99 1.29
C PHE A 181 7.47 -17.01 1.00
N GLU A 182 8.67 -16.53 0.75
CA GLU A 182 9.77 -17.41 0.43
C GLU A 182 10.49 -17.98 1.65
N LYS A 183 10.58 -17.21 2.73
CA LYS A 183 11.32 -17.60 3.93
C LYS A 183 10.44 -18.12 5.07
N ALA A 184 9.13 -17.90 5.00
CA ALA A 184 8.24 -18.39 6.03
C ALA A 184 8.01 -19.87 5.80
N GLU A 185 8.59 -20.69 6.67
CA GLU A 185 8.61 -22.13 6.45
C GLU A 185 7.22 -22.66 6.41
N PHE A 186 6.38 -22.22 7.35
CA PHE A 186 5.00 -22.69 7.42
C PHE A 186 4.25 -22.44 6.11
N LEU A 187 4.66 -21.42 5.36
CA LEU A 187 4.02 -21.08 4.09
C LEU A 187 4.53 -21.77 2.83
N GLN A 188 5.56 -22.59 2.95
CA GLN A 188 6.14 -23.25 1.77
C GLN A 188 5.07 -23.96 0.89
N PRO A 189 4.05 -24.61 1.53
CA PRO A 189 3.01 -25.20 0.68
C PRO A 189 2.25 -24.17 -0.17
N LEU A 190 2.16 -22.94 0.33
CA LEU A 190 1.46 -21.86 -0.37
C LEU A 190 2.34 -21.26 -1.43
N LYS A 191 3.60 -21.03 -1.07
CA LYS A 191 4.58 -20.57 -2.02
C LYS A 191 4.56 -21.45 -3.25
N THR A 192 4.49 -22.75 -3.02
CA THR A 192 4.65 -23.71 -4.08
C THR A 192 3.41 -23.65 -4.93
N TYR A 193 2.27 -23.58 -4.26
CA TYR A 193 0.97 -23.44 -4.90
C TYR A 193 0.85 -22.19 -5.79
N LEU A 194 1.47 -21.07 -5.38
CA LEU A 194 1.39 -19.77 -6.11
C LEU A 194 2.46 -19.52 -7.19
N ALA A 195 3.45 -20.41 -7.24
CA ALA A 195 4.57 -20.30 -8.17
C ALA A 195 4.12 -19.93 -9.55
N GLY A 196 4.80 -18.94 -10.14
CA GLY A 196 4.42 -18.43 -11.46
C GLY A 196 3.43 -17.28 -11.39
N LYS A 197 2.60 -17.24 -10.34
CA LYS A 197 1.45 -16.35 -10.32
C LYS A 197 1.60 -15.07 -9.49
N TYR A 198 2.79 -14.77 -8.99
CA TYR A 198 2.98 -13.57 -8.22
C TYR A 198 4.27 -12.87 -8.60
N GLN A 199 4.34 -11.58 -8.29
CA GLN A 199 5.56 -10.85 -8.42
C GLN A 199 5.58 -9.71 -7.40
N LYS A 200 6.76 -9.11 -7.26
CA LYS A 200 6.98 -8.07 -6.28
C LYS A 200 6.40 -6.75 -6.80
N MET A 201 5.76 -5.98 -5.94
CA MET A 201 5.33 -4.66 -6.35
C MET A 201 6.49 -3.88 -6.94
N ASP A 202 6.30 -3.50 -8.21
CA ASP A 202 7.36 -2.93 -9.04
C ASP A 202 7.55 -1.42 -8.83
N TRP A 203 8.67 -1.06 -8.22
CA TRP A 203 9.10 0.34 -8.17
C TRP A 203 9.83 0.74 -9.45
N SER A 204 10.15 -0.23 -10.29
CA SER A 204 10.88 0.04 -11.53
C SER A 204 9.98 0.28 -12.73
N ALA A 205 8.73 -0.19 -12.66
CA ALA A 205 7.73 0.02 -13.71
C ALA A 205 7.76 1.47 -14.18
N TYR A 206 7.88 2.39 -13.23
CA TYR A 206 7.89 3.80 -13.55
C TYR A 206 9.03 4.21 -14.50
N GLU A 207 10.23 3.69 -14.30
CA GLU A 207 11.38 4.07 -15.18
C GLU A 207 11.22 3.45 -16.57
N LYS A 208 10.63 2.27 -16.64
CA LYS A 208 10.33 1.63 -17.93
C LYS A 208 9.39 2.48 -18.80
N LEU A 209 8.44 3.17 -18.17
CA LEU A 209 7.45 3.94 -18.91
C LEU A 209 8.10 5.00 -19.81
N SER A 210 7.57 5.15 -21.01
CA SER A 210 7.97 6.23 -21.90
C SER A 210 7.75 7.57 -21.21
N PRO A 211 8.56 8.57 -21.55
CA PRO A 211 8.34 9.92 -21.01
C PRO A 211 6.87 10.37 -21.01
N GLU A 212 6.14 10.03 -22.07
CA GLU A 212 4.75 10.43 -22.20
C GLU A 212 3.97 9.78 -21.06
N GLN A 213 4.17 8.47 -20.89
CA GLN A 213 3.44 7.69 -19.89
C GLN A 213 3.77 8.06 -18.45
N GLN A 214 4.94 8.62 -18.22
CA GLN A 214 5.35 8.97 -16.88
C GLN A 214 4.61 10.21 -16.45
N THR A 215 4.65 11.18 -17.34
CA THR A 215 3.87 12.39 -17.20
C THR A 215 2.38 12.03 -16.99
N PHE A 216 1.93 11.02 -17.73
CA PHE A 216 0.59 10.52 -17.56
C PHE A 216 0.45 10.04 -16.13
N TYR A 217 1.42 9.28 -15.63
CA TYR A 217 1.33 8.72 -14.29
C TYR A 217 1.31 9.74 -13.15
N LEU A 218 2.13 10.77 -13.28
CA LEU A 218 2.24 11.80 -12.24
C LEU A 218 0.98 12.64 -12.19
N LYS A 219 0.34 12.76 -13.34
CA LYS A 219 -0.88 13.54 -13.42
C LYS A 219 -1.97 12.78 -12.69
N LEU A 220 -2.00 11.47 -12.91
CA LEU A 220 -3.03 10.61 -12.32
C LEU A 220 -3.05 10.64 -10.82
N VAL A 221 -1.84 10.58 -10.25
CA VAL A 221 -1.62 10.44 -8.82
C VAL A 221 -1.38 11.76 -8.06
N GLY A 222 -1.37 12.89 -8.77
CA GLY A 222 -1.29 14.21 -8.14
C GLY A 222 0.09 14.83 -8.03
N PHE A 223 1.10 14.21 -8.64
CA PHE A 223 2.50 14.63 -8.49
C PHE A 223 2.82 15.83 -9.38
N SER A 224 2.85 17.03 -8.80
CA SER A 224 3.21 18.23 -9.57
C SER A 224 4.68 18.22 -9.99
N ASP A 225 5.01 18.92 -11.08
CA ASP A 225 6.40 19.09 -11.50
C ASP A 225 7.22 19.82 -10.45
N GLU A 226 6.62 20.85 -9.87
CA GLU A 226 7.25 21.66 -8.85
C GLU A 226 7.81 20.72 -7.77
N THR A 227 6.96 19.84 -7.23
CA THR A 227 7.36 18.95 -6.14
C THR A 227 8.17 17.73 -6.65
N LYS A 228 8.00 17.36 -7.90
CA LYS A 228 8.84 16.33 -8.51
C LYS A 228 10.31 16.77 -8.60
N GLN A 229 10.51 18.06 -8.80
CA GLN A 229 11.85 18.62 -8.97
C GLN A 229 12.67 18.53 -7.70
N LEU A 230 12.02 18.73 -6.55
CA LEU A 230 12.67 18.59 -5.24
C LEU A 230 13.52 17.32 -5.11
N PHE A 231 13.30 16.33 -5.96
CA PHE A 231 14.06 15.10 -5.91
C PHE A 231 15.02 14.99 -7.09
N HIS A 232 15.18 16.08 -7.84
CA HIS A 232 15.99 16.01 -9.05
C HIS A 232 17.47 15.79 -8.76
N THR A 233 17.99 16.53 -7.77
CA THR A 233 19.41 16.41 -7.35
C THR A 233 19.97 14.98 -7.27
N GLU A 234 21.24 14.82 -7.59
CA GLU A 234 21.95 13.54 -7.42
C GLU A 234 22.49 13.34 -5.99
N GLN A 235 22.28 14.32 -5.13
CA GLN A 235 22.65 14.18 -3.72
C GLN A 235 21.81 13.11 -3.05
N THR A 236 22.46 12.28 -2.24
CA THR A 236 21.73 11.26 -1.50
C THR A 236 20.73 11.93 -0.55
N LYS A 237 19.68 11.18 -0.16
CA LYS A 237 18.48 11.76 0.43
C LYS A 237 18.03 11.00 1.65
N PHE A 238 17.78 11.73 2.73
CA PHE A 238 17.26 11.14 3.95
C PHE A 238 15.90 11.74 4.14
N ILE A 239 14.92 10.94 4.56
CA ILE A 239 13.58 11.44 4.90
C ILE A 239 13.21 11.17 6.34
N PHE A 240 12.80 12.21 7.06
CA PHE A 240 12.29 12.04 8.40
C PHE A 240 10.80 11.74 8.39
N THR A 241 10.40 10.63 9.02
CA THR A 241 8.98 10.25 9.12
C THR A 241 8.30 10.89 10.34
N GLY A 242 7.42 11.86 10.06
CA GLY A 242 6.69 12.58 11.10
C GLY A 242 5.47 11.84 11.61
N THR A 243 4.95 12.32 12.74
CA THR A 243 3.72 11.81 13.36
C THR A 243 2.92 13.00 13.93
N THR A 244 1.79 12.75 14.57
CA THR A 244 0.99 13.84 15.18
C THR A 244 1.27 13.94 16.69
N THR A 245 0.50 13.21 17.50
CA THR A 245 0.74 13.13 18.95
C THR A 245 0.76 11.68 19.39
N TRP A 246 0.95 11.45 20.67
CA TRP A 246 0.95 10.14 21.23
C TRP A 246 0.67 10.29 22.73
N GLU A 247 0.85 9.24 23.53
CA GLU A 247 0.51 9.29 24.96
C GLU A 247 1.66 9.87 25.77
N GLY A 248 2.08 11.09 25.42
CA GLY A 248 2.75 11.95 26.38
C GLY A 248 1.72 12.26 27.47
N ASN A 249 2.10 13.06 28.43
CA ASN A 249 1.19 13.34 29.52
C ASN A 249 0.56 14.70 29.33
N THR A 250 -0.04 14.92 28.16
CA THR A 250 -0.56 16.25 27.80
C THR A 250 -1.37 16.29 26.49
N ASP A 251 -2.29 17.23 26.39
CA ASP A 251 -3.02 17.45 25.14
C ASP A 251 -2.32 18.48 24.22
N ILE A 252 -1.27 19.13 24.71
CA ILE A 252 -0.72 20.30 24.05
C ILE A 252 0.06 19.89 22.81
N ARG A 253 -0.52 20.16 21.66
CA ARG A 253 0.03 19.71 20.40
C ARG A 253 1.48 20.16 20.24
N GLU A 254 1.77 21.38 20.72
CA GLU A 254 3.10 21.95 20.57
C GLU A 254 4.18 21.20 21.37
N TYR A 255 3.77 20.47 22.40
CA TYR A 255 4.71 19.56 23.07
C TYR A 255 5.22 18.46 22.11
N TYR A 256 4.30 17.89 21.37
CA TYR A 256 4.61 16.77 20.49
C TYR A 256 5.40 17.28 19.32
N ALA A 257 5.14 18.52 18.92
CA ALA A 257 5.93 19.14 17.85
C ALA A 257 7.38 19.33 18.28
N LYS A 258 7.58 19.88 19.46
CA LYS A 258 8.92 20.13 20.01
C LYS A 258 9.69 18.86 20.21
N GLN A 259 9.01 17.83 20.70
CA GLN A 259 9.67 16.58 20.93
C GLN A 259 10.19 16.01 19.62
N GLN A 260 9.39 16.13 18.56
CA GLN A 260 9.79 15.63 17.25
C GLN A 260 10.91 16.49 16.66
N LEU A 261 10.87 17.78 16.95
CA LEU A 261 11.98 18.62 16.57
C LEU A 261 13.27 18.07 17.23
N ASN A 262 13.16 17.58 18.47
CA ASN A 262 14.30 16.96 19.15
C ASN A 262 14.73 15.67 18.49
N LEU A 263 13.78 14.81 18.18
CA LEU A 263 14.05 13.55 17.51
C LEU A 263 14.72 13.76 16.15
N LEU A 264 14.25 14.75 15.40
CA LEU A 264 14.85 15.08 14.13
C LEU A 264 16.33 15.42 14.32
N LYS A 265 16.63 16.31 15.27
CA LYS A 265 18.01 16.70 15.55
C LYS A 265 18.91 15.52 15.86
N HIS A 266 18.38 14.50 16.52
CA HIS A 266 19.16 13.29 16.72
C HIS A 266 19.65 12.60 15.42
N PHE A 267 18.96 12.89 14.30
CA PHE A 267 19.39 12.42 12.99
C PHE A 267 20.32 13.39 12.29
N THR A 268 20.02 14.68 12.38
CA THR A 268 20.62 15.66 11.50
C THR A 268 21.84 16.37 12.06
N HIS A 269 21.93 16.46 13.39
CA HIS A 269 22.96 17.21 14.11
C HIS A 269 24.10 16.28 14.46
N SER A 270 25.35 16.69 14.22
CA SER A 270 26.52 15.85 14.55
C SER A 270 26.58 15.37 16.02
N GLU A 271 26.09 16.22 16.92
CA GLU A 271 25.89 15.86 18.34
C GLU A 271 24.85 14.74 18.58
N GLY A 272 23.97 14.46 17.61
CA GLY A 272 22.94 13.41 17.76
C GLY A 272 23.38 11.96 17.88
N ASP A 273 22.63 11.18 18.65
CA ASP A 273 22.91 9.75 18.82
C ASP A 273 22.80 8.99 17.52
N LEU A 274 21.95 9.50 16.62
CA LEU A 274 21.61 8.81 15.39
C LEU A 274 22.09 9.55 14.14
N PHE A 275 23.09 10.42 14.31
CA PHE A 275 23.64 11.25 13.25
C PHE A 275 23.89 10.45 11.98
N ILE A 276 23.28 10.91 10.90
CA ILE A 276 23.33 10.20 9.62
C ILE A 276 24.48 10.72 8.75
N GLY A 277 25.02 11.87 9.10
CA GLY A 277 26.15 12.40 8.39
C GLY A 277 25.73 13.44 7.39
N ASP A 278 26.73 14.15 6.89
CA ASP A 278 26.50 15.33 6.09
C ASP A 278 26.17 15.03 4.65
N GLN A 279 26.42 13.82 4.17
CA GLN A 279 26.09 13.52 2.80
C GLN A 279 24.61 13.78 2.38
N TYR A 280 23.66 13.49 3.26
CA TYR A 280 22.24 13.51 2.87
C TYR A 280 21.60 14.90 2.83
N LYS A 281 20.72 15.10 1.83
CA LYS A 281 19.77 16.18 1.80
C LYS A 281 18.60 15.75 2.67
N ILE A 282 18.14 16.62 3.58
CA ILE A 282 17.12 16.24 4.56
C ILE A 282 15.72 16.63 4.07
N TYR A 283 14.79 15.67 4.09
CA TYR A 283 13.38 15.95 3.80
C TYR A 283 12.47 15.67 5.01
N PHE A 284 11.35 16.39 5.07
CA PHE A 284 10.32 16.14 6.06
C PHE A 284 9.04 15.59 5.42
N LYS A 285 8.63 14.42 5.87
CA LYS A 285 7.38 13.82 5.44
C LYS A 285 6.52 13.76 6.68
N GLY A 286 5.75 14.81 6.87
CA GLY A 286 4.87 14.93 8.01
C GLY A 286 3.61 14.16 7.81
N HIS A 287 3.00 13.73 8.91
CA HIS A 287 1.65 13.19 8.89
C HIS A 287 0.71 14.19 8.16
N PRO A 288 -0.22 13.69 7.34
CA PRO A 288 -1.23 14.53 6.68
C PRO A 288 -2.11 15.32 7.66
N ARG A 289 -2.40 14.72 8.81
CA ARG A 289 -3.16 15.37 9.88
C ARG A 289 -2.26 16.19 10.80
N GLY A 290 -1.09 16.58 10.31
CA GLY A 290 -0.07 17.18 11.15
C GLY A 290 -0.40 18.63 11.45
N GLY A 291 -0.73 19.37 10.40
CA GLY A 291 -1.19 20.74 10.53
C GLY A 291 -0.20 21.62 11.26
N ASP A 292 -0.60 22.09 12.45
CA ASP A 292 0.18 23.10 13.19
C ASP A 292 1.46 22.51 13.78
N ILE A 293 1.45 21.20 13.91
CA ILE A 293 2.61 20.44 14.31
C ILE A 293 3.65 20.49 13.19
N ASN A 294 3.19 20.31 11.95
CA ASN A 294 4.08 20.37 10.79
C ASN A 294 4.55 21.79 10.57
N ASP A 295 3.63 22.76 10.69
CA ASP A 295 3.99 24.17 10.65
C ASP A 295 5.16 24.42 11.60
N TYR A 296 4.99 23.98 12.85
CA TYR A 296 5.99 24.17 13.91
C TYR A 296 7.37 23.61 13.55
N ILE A 297 7.44 22.35 13.10
CA ILE A 297 8.73 21.71 12.79
C ILE A 297 9.45 22.38 11.61
N LEU A 298 8.68 22.73 10.58
CA LEU A 298 9.25 23.40 9.40
C LEU A 298 9.82 24.76 9.78
N LYS A 299 9.13 25.45 10.70
CA LYS A 299 9.59 26.74 11.23
C LYS A 299 10.94 26.68 11.97
N HIS A 300 11.17 25.63 12.75
CA HIS A 300 12.36 25.56 13.58
C HIS A 300 13.48 24.70 13.04
N ALA A 301 13.17 23.78 12.14
CA ALA A 301 14.21 23.04 11.42
C ALA A 301 14.82 23.88 10.27
N LYS A 302 16.16 23.93 10.25
CA LYS A 302 16.90 24.66 9.21
C LYS A 302 17.20 23.66 8.12
N ASP A 303 17.45 24.15 6.90
CA ASP A 303 17.87 23.28 5.79
C ASP A 303 17.10 21.97 5.79
N ILE A 304 15.83 22.06 5.44
CA ILE A 304 15.00 20.89 5.34
C ILE A 304 14.01 21.13 4.23
N THR A 305 13.82 20.14 3.36
CA THR A 305 12.83 20.23 2.29
C THR A 305 11.56 19.54 2.73
N ASN A 306 10.44 20.26 2.71
CA ASN A 306 9.15 19.67 3.04
C ASN A 306 8.62 18.85 1.88
N ILE A 307 7.87 17.80 2.20
CA ILE A 307 7.14 17.02 1.18
C ILE A 307 5.67 17.08 1.48
N PRO A 308 4.87 17.54 0.52
CA PRO A 308 3.45 17.75 0.81
C PRO A 308 2.72 16.49 1.28
N ALA A 309 1.64 16.69 2.04
CA ALA A 309 0.70 15.61 2.47
C ALA A 309 0.25 14.67 1.34
N ASN A 310 -0.16 15.22 0.20
CA ASN A 310 -0.58 14.41 -0.99
C ASN A 310 0.47 13.38 -1.43
N ILE A 311 1.74 13.67 -1.23
CA ILE A 311 2.78 12.76 -1.62
C ILE A 311 3.08 11.75 -0.51
N SER A 312 2.44 10.58 -0.56
CA SER A 312 2.69 9.52 0.39
C SER A 312 4.01 8.82 0.07
N PHE A 313 4.42 7.93 0.98
CA PHE A 313 5.59 7.08 0.72
C PHE A 313 5.33 6.12 -0.40
N GLU A 314 4.08 5.65 -0.47
CA GLU A 314 3.64 4.74 -1.52
C GLU A 314 3.84 5.33 -2.90
N ILE A 315 3.48 6.60 -3.08
CA ILE A 315 3.68 7.25 -4.35
C ILE A 315 5.15 7.32 -4.66
N LEU A 316 5.97 7.62 -3.66
CA LEU A 316 7.42 7.72 -3.86
C LEU A 316 7.96 6.40 -4.31
N MET A 317 7.49 5.34 -3.70
CA MET A 317 7.91 4.02 -4.13
C MET A 317 7.54 3.85 -5.59
N MET A 318 6.26 4.07 -5.89
CA MET A 318 5.74 3.71 -7.21
C MET A 318 6.35 4.52 -8.33
N THR A 319 7.00 5.64 -7.99
CA THR A 319 7.74 6.48 -8.91
C THR A 319 9.28 6.34 -8.86
N GLY A 320 9.78 5.34 -8.13
CA GLY A 320 11.23 5.14 -7.96
C GLY A 320 11.95 6.25 -7.20
N LEU A 321 11.18 7.06 -6.45
CA LEU A 321 11.73 8.11 -5.61
C LEU A 321 11.89 7.65 -4.18
N LEU A 322 12.21 6.39 -3.95
CA LEU A 322 12.61 5.99 -2.61
C LEU A 322 13.96 6.60 -2.33
N PRO A 323 14.13 7.18 -1.14
CA PRO A 323 15.37 7.84 -0.81
C PRO A 323 16.39 6.82 -0.40
N ASP A 324 17.60 7.25 -0.13
CA ASP A 324 18.65 6.37 0.34
C ASP A 324 18.49 5.96 1.82
N LYS A 325 17.87 6.82 2.62
CA LYS A 325 17.60 6.50 4.01
C LYS A 325 16.25 7.04 4.46
N VAL A 326 15.62 6.31 5.38
CA VAL A 326 14.41 6.79 6.01
C VAL A 326 14.61 6.59 7.49
N GLY A 327 14.14 7.54 8.28
CA GLY A 327 14.18 7.39 9.72
C GLY A 327 13.20 8.33 10.40
N GLY A 328 12.79 7.95 11.60
CA GLY A 328 11.99 8.80 12.46
C GLY A 328 10.90 7.98 13.07
N VAL A 329 9.70 8.57 13.17
CA VAL A 329 8.64 7.97 13.93
C VAL A 329 8.15 6.72 13.23
N ALA A 330 7.98 5.70 14.04
CA ALA A 330 7.61 4.39 13.61
C ALA A 330 6.26 4.41 12.96
N SER A 331 6.18 3.81 11.78
CA SER A 331 4.93 3.52 11.11
C SER A 331 5.13 2.26 10.24
N SER A 332 4.02 1.59 9.92
CA SER A 332 4.00 0.39 9.08
C SER A 332 4.45 0.59 7.62
N LEU A 333 4.72 1.81 7.19
CA LEU A 333 5.37 2.02 5.91
C LEU A 333 6.74 1.31 5.90
N TYR A 334 7.40 1.23 7.05
CA TYR A 334 8.76 0.72 7.08
C TYR A 334 8.79 -0.73 6.61
N PHE A 335 7.67 -1.44 6.81
CA PHE A 335 7.57 -2.79 6.29
C PHE A 335 7.96 -2.86 4.82
N SER A 336 7.49 -1.88 4.05
CA SER A 336 7.73 -1.81 2.61
C SER A 336 9.16 -1.45 2.19
N LEU A 337 10.00 -0.99 3.11
CA LEU A 337 11.31 -0.50 2.70
C LEU A 337 12.31 -1.65 2.62
N PRO A 338 13.27 -1.54 1.68
CA PRO A 338 14.44 -2.39 1.69
C PRO A 338 15.28 -2.16 2.91
N LYS A 339 15.97 -3.21 3.35
CA LYS A 339 16.79 -3.15 4.56
C LYS A 339 17.87 -2.07 4.53
N GLU A 340 18.47 -1.84 3.35
CA GLU A 340 19.56 -0.86 3.25
C GLU A 340 19.09 0.57 3.47
N LYS A 341 17.80 0.82 3.26
CA LYS A 341 17.24 2.16 3.37
C LYS A 341 16.73 2.58 4.76
N ILE A 342 16.87 1.75 5.79
CA ILE A 342 16.30 2.05 7.11
C ILE A 342 17.39 2.42 8.10
N SER A 343 17.45 3.68 8.51
CA SER A 343 18.33 4.07 9.61
C SER A 343 17.72 3.60 10.93
N HIS A 344 16.98 4.46 11.63
CA HIS A 344 16.37 4.09 12.92
C HIS A 344 14.88 4.39 12.98
N ILE A 345 14.14 3.50 13.63
CA ILE A 345 12.70 3.62 13.74
C ILE A 345 12.37 3.88 15.23
N ILE A 346 11.64 4.96 15.51
CA ILE A 346 11.37 5.36 16.87
C ILE A 346 9.89 5.19 17.24
N PHE A 347 9.63 4.39 18.26
CA PHE A 347 8.25 4.13 18.66
C PHE A 347 7.82 5.08 19.75
N THR A 348 6.65 5.67 19.55
CA THR A 348 6.03 6.50 20.53
C THR A 348 5.06 5.66 21.31
N SER A 349 4.73 6.12 22.49
CA SER A 349 3.85 5.39 23.38
C SER A 349 2.40 5.57 22.98
N ASN A 350 1.73 4.45 22.77
CA ASN A 350 0.29 4.42 22.68
C ASN A 350 -0.18 3.33 23.68
N LYS A 351 -1.30 2.69 23.44
CA LYS A 351 -1.84 1.76 24.45
C LYS A 351 -1.22 0.37 24.36
N LYS A 352 -0.65 0.02 23.22
CA LYS A 352 0.01 -1.28 23.05
C LYS A 352 1.50 -1.17 23.31
N ILE A 353 2.08 -0.02 23.01
CA ILE A 353 3.51 0.16 23.16
C ILE A 353 3.79 1.20 24.25
N LYS A 354 4.44 0.76 25.35
CA LYS A 354 4.89 1.66 26.42
C LYS A 354 6.42 1.67 26.56
N ASN A 355 7.08 0.79 25.82
CA ASN A 355 8.52 0.60 25.97
C ASN A 355 9.05 -0.19 24.78
N LYS A 356 10.37 -0.24 24.68
CA LYS A 356 11.03 -0.97 23.61
C LYS A 356 10.60 -2.44 23.50
N GLU A 357 10.58 -3.15 24.62
CA GLU A 357 10.13 -4.53 24.62
C GLU A 357 8.79 -4.65 23.90
N ASP A 358 7.86 -3.75 24.17
CA ASP A 358 6.57 -3.74 23.47
C ASP A 358 6.73 -3.47 21.98
N ALA A 359 7.57 -2.50 21.65
CA ALA A 359 7.89 -2.21 20.28
C ALA A 359 8.38 -3.45 19.54
N LEU A 360 9.26 -4.22 20.18
CA LEU A 360 9.80 -5.45 19.57
C LEU A 360 8.73 -6.50 19.34
N ASN A 361 7.58 -6.35 20.00
CA ASN A 361 6.45 -7.30 19.86
C ASN A 361 5.34 -6.85 18.94
N ASP A 362 5.39 -5.61 18.45
CA ASP A 362 4.38 -5.18 17.50
C ASP A 362 4.44 -6.12 16.32
N PRO A 363 3.27 -6.62 15.87
CA PRO A 363 3.24 -7.67 14.84
C PRO A 363 4.13 -7.40 13.62
N TYR A 364 4.00 -6.24 12.97
CA TYR A 364 4.78 -5.97 11.75
C TYR A 364 6.27 -5.84 12.06
N VAL A 365 6.59 -5.46 13.29
CA VAL A 365 7.97 -5.37 13.67
C VAL A 365 8.60 -6.75 13.74
N ARG A 366 7.85 -7.73 14.25
CA ARG A 366 8.45 -9.04 14.51
C ARG A 366 8.86 -9.71 13.21
N VAL A 367 7.97 -9.68 12.24
CA VAL A 367 8.27 -10.23 10.92
C VAL A 367 9.47 -9.51 10.29
N MET A 368 9.53 -8.18 10.38
CA MET A 368 10.69 -7.45 9.85
C MET A 368 11.98 -7.95 10.47
N LEU A 369 11.93 -8.33 11.75
CA LEU A 369 13.11 -8.84 12.48
C LEU A 369 13.50 -10.25 11.99
N ARG A 370 12.50 -11.10 11.79
CA ARG A 370 12.72 -12.44 11.26
C ARG A 370 13.29 -12.42 9.84
N LEU A 371 12.80 -11.51 9.01
CA LEU A 371 13.31 -11.37 7.66
C LEU A 371 14.65 -10.65 7.67
N GLY A 372 15.02 -10.08 8.82
CA GLY A 372 16.30 -9.36 8.93
C GLY A 372 16.33 -8.05 8.17
N MET A 373 15.16 -7.44 7.99
N MET A 373 15.14 -7.45 7.98
CA MET A 373 15.10 -6.14 7.37
CA MET A 373 15.03 -6.12 7.40
C MET A 373 15.64 -5.08 8.35
C MET A 373 15.70 -5.13 8.35
N ILE A 374 15.62 -5.40 9.65
CA ILE A 374 16.28 -4.56 10.66
C ILE A 374 16.87 -5.45 11.74
N ASP A 375 17.76 -4.87 12.54
CA ASP A 375 18.17 -5.47 13.79
C ASP A 375 17.64 -4.64 14.97
N LYS A 376 17.56 -5.27 16.12
CA LYS A 376 17.03 -4.59 17.31
C LYS A 376 17.71 -3.26 17.58
N SER A 377 18.96 -3.09 17.18
CA SER A 377 19.60 -1.79 17.41
C SER A 377 18.90 -0.63 16.70
N GLN A 378 18.02 -0.94 15.75
CA GLN A 378 17.33 0.08 14.93
C GLN A 378 15.94 0.41 15.47
N ILE A 379 15.47 -0.40 16.42
CA ILE A 379 14.28 -0.08 17.15
C ILE A 379 14.66 0.74 18.38
N ILE A 380 14.04 1.90 18.53
CA ILE A 380 14.30 2.80 19.63
C ILE A 380 12.98 3.28 20.21
N PHE A 381 12.85 3.21 21.53
CA PHE A 381 11.70 3.83 22.17
C PHE A 381 12.01 5.31 22.38
N TRP A 382 11.05 6.16 22.04
CA TRP A 382 11.24 7.63 22.04
C TRP A 382 11.72 8.19 23.37
N ASP A 383 11.28 7.57 24.46
CA ASP A 383 11.61 8.02 25.82
C ASP A 383 13.11 8.02 26.10
N SER A 384 13.84 7.11 25.45
CA SER A 384 15.23 6.85 25.80
C SER A 384 16.23 7.90 25.28
N LEU A 385 15.75 8.88 24.51
CA LEU A 385 16.61 9.85 23.86
C LEU A 385 16.57 11.17 24.62
N LYS A 386 17.73 11.81 24.78
CA LYS A 386 17.81 12.99 25.62
C LYS A 386 17.40 14.24 24.84
N GLN A 387 17.46 15.39 25.50
CA GLN A 387 17.17 16.69 24.88
C GLN A 387 18.47 17.36 24.41
N LEU A 388 18.48 17.86 23.18
CA LEU A 388 19.62 18.58 22.63
C LEU A 388 19.44 20.10 22.71
#